data_2IZ9
#
_entry.id   2IZ9
#
_cell.length_a   288.000
_cell.length_b   288.000
_cell.length_c   653.000
_cell.angle_alpha   90.00
_cell.angle_beta   90.00
_cell.angle_gamma   120.00
#
_symmetry.space_group_name_H-M   'H 3 2'
#
loop_
_entity.id
_entity.type
_entity.pdbx_description
1 polymer 'MS2 COAT PROTEIN'
2 polymer "5'-R(*AP*CP*AP*UP*GP*AP*GP*GP*AP*U ONEP *AP*CP*CP*CP*AP*UP*GP*U)-3'"
3 water water
#
loop_
_entity_poly.entity_id
_entity_poly.type
_entity_poly.pdbx_seq_one_letter_code
_entity_poly.pdbx_strand_id
1 'polypeptide(L)'
;ASNFTQFVLVDNGGTGDVTVAPSNFANGVAEWISSNSRSQAYKVTCSVRQSSAQNRKYTIKVEVPKVATQTVGGVELPVA
AWRSYLNMELTIPIFATNSDCELIVKAMQGLLKDGNPIPSAIAANSGIY
;
A,B,C
2 'polyribonucleotide' ACAUGAGGAU(ONE)ACCCAUGU R,S
#
# COMPACT_ATOMS: atom_id res chain seq x y z
N ALA A 1 45.33 1.01 -23.53
CA ALA A 1 44.62 2.04 -24.33
C ALA A 1 43.11 1.80 -24.42
N SER A 2 42.38 2.89 -24.48
CA SER A 2 40.94 2.92 -24.57
C SER A 2 40.71 4.41 -24.48
N ASN A 3 40.21 5.01 -25.55
CA ASN A 3 40.00 6.44 -25.52
C ASN A 3 38.72 6.81 -24.81
N PHE A 4 37.95 5.80 -24.40
CA PHE A 4 36.70 6.07 -23.72
C PHE A 4 36.96 6.37 -22.25
N THR A 5 37.47 7.56 -21.99
CA THR A 5 37.80 8.01 -20.64
C THR A 5 37.20 9.37 -20.32
N GLN A 6 37.16 9.69 -19.03
CA GLN A 6 36.60 10.96 -18.60
C GLN A 6 37.53 12.10 -18.96
N PHE A 7 36.98 13.31 -19.10
CA PHE A 7 37.80 14.46 -19.44
C PHE A 7 37.15 15.76 -18.97
N VAL A 8 37.95 16.82 -18.90
CA VAL A 8 37.45 18.12 -18.47
C VAL A 8 36.80 18.88 -19.61
N LEU A 9 35.48 19.01 -19.57
CA LEU A 9 34.76 19.70 -20.64
C LEU A 9 34.92 21.20 -20.49
N VAL A 10 34.60 21.72 -19.30
CA VAL A 10 34.71 23.15 -19.03
C VAL A 10 35.84 23.40 -18.06
N ASP A 11 36.88 24.06 -18.54
CA ASP A 11 38.03 24.34 -17.69
C ASP A 11 37.94 25.69 -17.00
N ASN A 12 37.63 25.66 -15.71
CA ASN A 12 37.56 26.89 -14.92
C ASN A 12 38.74 26.93 -13.97
N GLY A 13 39.92 26.63 -14.52
CA GLY A 13 41.14 26.62 -13.74
C GLY A 13 41.00 25.93 -12.41
N GLY A 14 41.01 24.60 -12.43
CA GLY A 14 40.92 23.79 -11.22
C GLY A 14 39.78 23.99 -10.22
N THR A 15 39.03 25.09 -10.31
CA THR A 15 37.94 25.31 -9.34
C THR A 15 36.58 25.52 -10.03
N GLY A 16 35.73 24.50 -9.95
CA GLY A 16 34.43 24.60 -10.59
C GLY A 16 34.55 24.11 -12.02
N ASP A 17 35.52 23.23 -12.26
CA ASP A 17 35.74 22.66 -13.58
C ASP A 17 34.59 21.70 -13.83
N VAL A 18 34.16 21.59 -15.08
CA VAL A 18 33.10 20.65 -15.39
C VAL A 18 33.75 19.46 -16.07
N THR A 19 33.86 18.36 -15.34
CA THR A 19 34.45 17.16 -15.92
C THR A 19 33.27 16.27 -16.31
N VAL A 20 33.46 15.57 -17.41
CA VAL A 20 32.44 14.72 -17.97
C VAL A 20 33.00 13.29 -17.95
N ALA A 21 32.15 12.30 -17.72
CA ALA A 21 32.59 10.89 -17.63
C ALA A 21 31.76 9.90 -18.44
N PRO A 22 32.39 8.81 -18.91
CA PRO A 22 31.69 7.80 -19.72
C PRO A 22 30.44 7.32 -19.00
N SER A 23 29.32 7.24 -19.71
CA SER A 23 28.09 6.80 -19.08
C SER A 23 27.30 5.75 -19.85
N ASN A 24 27.51 5.66 -21.16
CA ASN A 24 26.78 4.68 -21.96
C ASN A 24 27.47 4.47 -23.30
N PHE A 25 27.28 3.29 -23.89
CA PHE A 25 27.85 2.99 -25.20
C PHE A 25 26.86 2.17 -25.99
N ALA A 26 25.62 2.19 -25.54
CA ALA A 26 24.56 1.44 -26.20
C ALA A 26 24.32 1.96 -27.60
N ASN A 27 24.04 1.06 -28.52
CA ASN A 27 23.77 1.39 -29.92
C ASN A 27 24.89 2.12 -30.65
N GLY A 28 26.13 1.82 -30.27
CA GLY A 28 27.26 2.46 -30.92
C GLY A 28 27.41 3.95 -30.67
N VAL A 29 26.65 4.48 -29.71
CA VAL A 29 26.74 5.90 -29.40
C VAL A 29 27.45 6.11 -28.06
N ALA A 30 28.66 6.66 -28.11
CA ALA A 30 29.43 6.91 -26.90
C ALA A 30 28.85 8.12 -26.18
N GLU A 31 28.55 7.96 -24.88
CA GLU A 31 27.98 9.04 -24.09
C GLU A 31 28.79 9.38 -22.86
N TRP A 32 28.84 10.66 -22.53
CA TRP A 32 29.55 11.16 -21.37
C TRP A 32 28.57 12.13 -20.71
N ILE A 33 28.51 12.14 -19.38
CA ILE A 33 27.63 13.08 -18.71
C ILE A 33 28.38 13.60 -17.50
N SER A 34 28.07 14.83 -17.10
CA SER A 34 28.71 15.43 -15.94
C SER A 34 28.04 14.77 -14.75
N SER A 35 28.69 14.86 -13.60
CA SER A 35 28.18 14.26 -12.37
C SER A 35 27.00 15.05 -11.78
N ASN A 36 25.83 14.90 -12.39
CA ASN A 36 24.62 15.60 -11.93
C ASN A 36 23.40 14.71 -12.13
N SER A 37 22.25 15.22 -11.70
CA SER A 37 21.02 14.50 -11.90
C SER A 37 20.89 14.52 -13.41
N ARG A 38 20.35 13.46 -13.98
CA ARG A 38 20.19 13.35 -15.41
C ARG A 38 19.46 14.58 -16.00
N SER A 39 18.73 15.30 -15.17
CA SER A 39 18.00 16.48 -15.65
C SER A 39 18.84 17.75 -15.71
N GLN A 40 19.95 17.80 -14.98
CA GLN A 40 20.80 18.99 -14.98
C GLN A 40 22.20 18.74 -15.53
N ALA A 41 22.43 17.55 -16.08
CA ALA A 41 23.75 17.19 -16.56
C ALA A 41 24.22 17.69 -17.92
N TYR A 42 25.53 17.86 -18.02
CA TYR A 42 26.15 18.25 -19.27
C TYR A 42 26.20 16.93 -20.02
N LYS A 43 25.96 16.94 -21.31
CA LYS A 43 25.99 15.69 -22.04
C LYS A 43 26.81 15.78 -23.33
N VAL A 44 27.56 14.72 -23.61
CA VAL A 44 28.39 14.67 -24.80
C VAL A 44 28.26 13.29 -25.42
N THR A 45 27.96 13.25 -26.71
CA THR A 45 27.82 11.98 -27.42
C THR A 45 28.62 12.01 -28.70
N CYS A 46 29.11 10.84 -29.10
CA CYS A 46 29.92 10.70 -30.30
C CYS A 46 29.66 9.36 -30.97
N SER A 47 29.64 9.35 -32.29
CA SER A 47 29.43 8.11 -33.04
C SER A 47 30.08 8.26 -34.42
N VAL A 48 30.53 7.14 -34.98
CA VAL A 48 31.18 7.14 -36.28
C VAL A 48 30.54 6.11 -37.17
N ARG A 49 30.23 6.47 -38.41
CA ARG A 49 29.65 5.50 -39.31
C ARG A 49 30.28 5.69 -40.67
N GLN A 50 30.20 4.65 -41.50
CA GLN A 50 30.73 4.66 -42.84
C GLN A 50 29.59 5.21 -43.71
N SER A 51 29.39 6.53 -43.65
CA SER A 51 28.30 7.18 -44.39
C SER A 51 28.20 6.77 -45.85
N SER A 52 29.31 6.81 -46.57
CA SER A 52 29.32 6.44 -47.98
C SER A 52 30.33 5.31 -48.17
N ALA A 53 30.49 4.89 -49.42
CA ALA A 53 31.45 3.84 -49.71
C ALA A 53 32.85 4.38 -49.42
N GLN A 54 33.04 5.69 -49.64
CA GLN A 54 34.35 6.31 -49.44
C GLN A 54 34.45 7.42 -48.39
N ASN A 55 33.46 7.50 -47.51
CA ASN A 55 33.47 8.51 -46.45
C ASN A 55 33.15 7.92 -45.10
N ARG A 56 33.67 8.56 -44.06
CA ARG A 56 33.37 8.15 -42.71
C ARG A 56 32.86 9.43 -42.08
N LYS A 57 31.83 9.33 -41.27
CA LYS A 57 31.24 10.51 -40.67
C LYS A 57 31.13 10.48 -39.16
N TYR A 58 31.73 11.47 -38.50
CA TYR A 58 31.64 11.56 -37.04
C TYR A 58 30.50 12.50 -36.73
N THR A 59 29.66 12.12 -35.76
CA THR A 59 28.54 12.97 -35.35
C THR A 59 28.75 13.26 -33.88
N ILE A 60 29.00 14.51 -33.55
CA ILE A 60 29.26 14.91 -32.18
C ILE A 60 28.22 15.91 -31.68
N LYS A 61 27.80 15.73 -30.43
CA LYS A 61 26.80 16.61 -29.83
C LYS A 61 27.15 16.94 -28.39
N VAL A 62 26.95 18.19 -28.02
CA VAL A 62 27.21 18.64 -26.66
C VAL A 62 25.98 19.39 -26.19
N GLU A 63 25.67 19.26 -24.90
CA GLU A 63 24.53 19.93 -24.29
C GLU A 63 24.98 20.68 -23.06
N VAL A 64 24.86 22.00 -23.11
CA VAL A 64 25.25 22.84 -21.98
C VAL A 64 23.96 23.32 -21.32
N PRO A 65 23.75 22.93 -20.06
CA PRO A 65 22.54 23.34 -19.34
C PRO A 65 22.71 24.57 -18.47
N LYS A 66 21.59 25.24 -18.24
CA LYS A 66 21.54 26.40 -17.36
C LYS A 66 20.74 25.84 -16.19
N VAL A 67 21.44 25.38 -15.16
CA VAL A 67 20.79 24.79 -13.99
C VAL A 67 19.90 25.73 -13.16
N ALA A 68 18.78 25.21 -12.68
CA ALA A 68 17.85 25.98 -11.88
C ALA A 68 17.01 25.07 -11.00
N THR A 69 16.32 25.65 -10.02
CA THR A 69 15.46 24.89 -9.12
C THR A 69 14.03 25.35 -9.35
N GLN A 70 13.18 24.45 -9.83
CA GLN A 70 11.81 24.83 -10.08
C GLN A 70 10.81 24.19 -9.15
N THR A 71 9.79 24.96 -8.79
CA THR A 71 8.74 24.50 -7.90
C THR A 71 7.56 24.01 -8.73
N VAL A 72 7.31 22.71 -8.67
CA VAL A 72 6.21 22.11 -9.42
C VAL A 72 5.27 21.47 -8.40
N GLY A 73 3.99 21.80 -8.48
CA GLY A 73 3.03 21.24 -7.54
C GLY A 73 3.42 21.49 -6.09
N GLY A 74 4.10 22.62 -5.86
CA GLY A 74 4.51 22.96 -4.51
C GLY A 74 5.82 22.31 -4.06
N VAL A 75 6.43 21.51 -4.95
CA VAL A 75 7.68 20.82 -4.63
C VAL A 75 8.87 21.33 -5.45
N GLU A 76 10.07 21.30 -4.87
CA GLU A 76 11.28 21.76 -5.55
C GLU A 76 12.05 20.65 -6.23
N LEU A 77 12.28 20.82 -7.53
CA LEU A 77 13.00 19.82 -8.32
C LEU A 77 14.21 20.43 -9.03
N PRO A 78 15.33 19.68 -9.10
CA PRO A 78 16.54 20.15 -9.77
C PRO A 78 16.19 20.09 -11.25
N VAL A 79 16.33 21.21 -11.94
CA VAL A 79 15.92 21.24 -13.33
C VAL A 79 16.87 22.07 -14.20
N ALA A 80 16.56 22.22 -15.48
CA ALA A 80 17.38 23.02 -16.38
C ALA A 80 16.51 24.08 -17.04
N ALA A 81 16.77 25.35 -16.73
CA ALA A 81 16.01 26.47 -17.29
C ALA A 81 15.97 26.37 -18.81
N TRP A 82 17.11 26.04 -19.41
CA TRP A 82 17.21 25.87 -20.84
C TRP A 82 18.51 25.16 -21.14
N ARG A 83 18.69 24.78 -22.41
CA ARG A 83 19.90 24.09 -22.83
C ARG A 83 20.42 24.64 -24.14
N SER A 84 21.75 24.67 -24.26
CA SER A 84 22.40 25.12 -25.47
C SER A 84 22.87 23.85 -26.15
N TYR A 85 22.63 23.73 -27.47
CA TYR A 85 23.01 22.53 -28.20
C TYR A 85 24.04 22.72 -29.29
N LEU A 86 25.06 21.88 -29.29
CA LEU A 86 26.07 21.92 -30.34
C LEU A 86 25.97 20.62 -31.12
N ASN A 87 25.72 20.72 -32.43
CA ASN A 87 25.66 19.52 -33.25
C ASN A 87 26.70 19.66 -34.35
N MET A 88 27.70 18.81 -34.34
CA MET A 88 28.68 18.89 -35.39
C MET A 88 28.85 17.58 -36.13
N GLU A 89 29.00 17.69 -37.44
CA GLU A 89 29.18 16.54 -38.31
C GLU A 89 30.46 16.70 -39.09
N LEU A 90 31.30 15.69 -39.05
CA LEU A 90 32.57 15.74 -39.73
C LEU A 90 32.72 14.59 -40.73
N THR A 91 32.84 14.92 -42.01
CA THR A 91 33.00 13.91 -43.05
C THR A 91 34.45 13.84 -43.53
N ILE A 92 35.06 12.66 -43.39
CA ILE A 92 36.46 12.47 -43.77
C ILE A 92 36.61 11.35 -44.79
N PRO A 93 37.24 11.64 -45.95
CA PRO A 93 37.41 10.58 -46.94
C PRO A 93 38.24 9.43 -46.35
N ILE A 94 38.04 8.22 -46.85
CA ILE A 94 38.79 7.07 -46.33
C ILE A 94 40.25 7.13 -46.73
N PHE A 95 40.58 8.02 -47.67
CA PHE A 95 41.94 8.16 -48.15
C PHE A 95 42.80 9.06 -47.26
N ALA A 96 42.19 9.63 -46.22
CA ALA A 96 42.91 10.51 -45.31
C ALA A 96 43.84 9.71 -44.39
N THR A 97 45.11 10.07 -44.38
CA THR A 97 46.07 9.39 -43.54
C THR A 97 45.93 9.93 -42.13
N ASN A 98 46.72 9.42 -41.20
CA ASN A 98 46.64 9.92 -39.83
C ASN A 98 47.09 11.36 -39.77
N SER A 99 48.12 11.70 -40.53
CA SER A 99 48.59 13.07 -40.51
C SER A 99 47.56 14.01 -41.15
N ASP A 100 46.76 13.51 -42.10
CA ASP A 100 45.74 14.35 -42.72
C ASP A 100 44.67 14.64 -41.68
N CYS A 101 44.43 13.67 -40.80
CA CYS A 101 43.42 13.82 -39.77
C CYS A 101 43.91 14.73 -38.66
N GLU A 102 45.20 14.70 -38.38
CA GLU A 102 45.75 15.57 -37.34
C GLU A 102 45.61 17.01 -37.77
N LEU A 103 45.58 17.21 -39.09
CA LEU A 103 45.42 18.54 -39.67
C LEU A 103 44.02 19.03 -39.37
N ILE A 104 43.04 18.14 -39.56
CA ILE A 104 41.65 18.49 -39.30
C ILE A 104 41.46 18.87 -37.83
N VAL A 105 42.03 18.09 -36.92
CA VAL A 105 41.90 18.42 -35.50
C VAL A 105 42.47 19.81 -35.20
N LYS A 106 43.70 20.05 -35.64
CA LYS A 106 44.34 21.34 -35.42
C LYS A 106 43.52 22.49 -35.98
N ALA A 107 42.83 22.26 -37.09
CA ALA A 107 42.01 23.30 -37.70
C ALA A 107 40.86 23.64 -36.76
N MET A 108 40.20 22.62 -36.23
CA MET A 108 39.08 22.83 -35.32
C MET A 108 39.54 23.49 -34.03
N GLN A 109 40.76 23.19 -33.60
CA GLN A 109 41.28 23.78 -32.38
C GLN A 109 41.61 25.24 -32.63
N GLY A 110 42.23 25.52 -33.78
CA GLY A 110 42.58 26.89 -34.10
C GLY A 110 41.33 27.72 -34.30
N LEU A 111 40.30 27.09 -34.84
CA LEU A 111 39.04 27.77 -35.09
C LEU A 111 38.44 28.38 -33.84
N LEU A 112 38.58 27.67 -32.71
CA LEU A 112 38.00 28.09 -31.44
C LEU A 112 38.95 28.71 -30.43
N LYS A 113 40.21 28.92 -30.81
CA LYS A 113 41.16 29.51 -29.89
C LYS A 113 40.74 30.90 -29.41
N ASP A 114 41.00 31.20 -28.14
CA ASP A 114 40.65 32.51 -27.59
C ASP A 114 41.24 33.66 -28.37
N GLY A 115 40.42 34.64 -28.67
CA GLY A 115 40.89 35.79 -29.41
C GLY A 115 40.59 35.73 -30.89
N ASN A 116 40.32 34.54 -31.41
CA ASN A 116 40.03 34.43 -32.84
C ASN A 116 38.59 34.86 -33.12
N PRO A 117 38.32 35.34 -34.34
CA PRO A 117 36.98 35.80 -34.74
C PRO A 117 35.75 35.11 -34.17
N ILE A 118 35.52 33.87 -34.58
CA ILE A 118 34.35 33.12 -34.15
C ILE A 118 34.05 33.02 -32.65
N PRO A 119 35.01 32.54 -31.83
CA PRO A 119 34.67 32.49 -30.41
C PRO A 119 34.43 33.88 -29.82
N SER A 120 35.07 34.89 -30.41
CA SER A 120 34.93 36.27 -29.96
C SER A 120 33.51 36.75 -30.22
N ALA A 121 32.93 36.31 -31.33
CA ALA A 121 31.58 36.70 -31.70
C ALA A 121 30.56 36.00 -30.83
N ILE A 122 30.71 34.69 -30.69
CA ILE A 122 29.79 33.90 -29.89
C ILE A 122 29.76 34.42 -28.46
N ALA A 123 30.94 34.61 -27.87
CA ALA A 123 31.04 35.07 -26.49
C ALA A 123 30.45 36.46 -26.26
N ALA A 124 30.26 37.22 -27.32
CA ALA A 124 29.72 38.57 -27.17
C ALA A 124 28.31 38.75 -27.73
N ASN A 125 27.62 37.65 -28.03
CA ASN A 125 26.28 37.74 -28.58
C ASN A 125 26.28 38.65 -29.79
N SER A 126 27.27 38.47 -30.65
CA SER A 126 27.42 39.28 -31.86
C SER A 126 27.60 38.43 -33.11
N GLY A 127 27.64 39.09 -34.26
CA GLY A 127 27.86 38.39 -35.51
C GLY A 127 29.27 38.75 -35.96
N ILE A 128 29.67 38.30 -37.15
CA ILE A 128 31.00 38.63 -37.66
C ILE A 128 30.87 39.90 -38.50
N TYR A 129 31.75 40.88 -38.27
CA TYR A 129 31.69 42.12 -39.03
C TYR A 129 33.00 42.90 -38.96
N ALA B 1 -66.55 -20.75 48.19
CA ALA B 1 -65.67 -19.79 48.91
C ALA B 1 -65.64 -18.42 48.21
N SER B 2 -66.68 -17.61 48.45
CA SER B 2 -66.77 -16.28 47.86
C SER B 2 -65.43 -15.56 48.01
N ASN B 3 -64.67 -15.47 46.93
CA ASN B 3 -63.37 -14.82 46.97
C ASN B 3 -63.35 -13.37 46.54
N PHE B 4 -64.47 -12.83 46.11
CA PHE B 4 -64.47 -11.44 45.68
C PHE B 4 -64.51 -10.52 46.90
N THR B 5 -63.35 -10.32 47.52
CA THR B 5 -63.27 -9.46 48.69
C THR B 5 -62.06 -8.52 48.67
N GLN B 6 -62.10 -7.57 49.58
CA GLN B 6 -61.06 -6.58 49.77
C GLN B 6 -59.75 -7.28 50.12
N PHE B 7 -58.61 -6.66 49.78
CA PHE B 7 -57.33 -7.27 50.09
C PHE B 7 -56.17 -6.28 49.96
N VAL B 8 -55.09 -6.53 50.69
CA VAL B 8 -53.93 -5.65 50.65
C VAL B 8 -53.09 -5.86 49.40
N LEU B 9 -53.05 -4.83 48.54
CA LEU B 9 -52.29 -4.92 47.30
C LEU B 9 -50.82 -4.56 47.56
N VAL B 10 -50.61 -3.41 48.20
CA VAL B 10 -49.26 -2.94 48.53
C VAL B 10 -49.06 -3.04 50.03
N ASP B 11 -48.22 -3.96 50.46
CA ASP B 11 -47.96 -4.11 51.87
C ASP B 11 -46.73 -3.37 52.35
N ASN B 12 -46.96 -2.29 53.09
CA ASN B 12 -45.88 -1.51 53.66
C ASN B 12 -45.82 -1.77 55.17
N GLY B 13 -46.14 -3.01 55.54
CA GLY B 13 -46.11 -3.39 56.93
C GLY B 13 -47.06 -2.63 57.83
N GLY B 14 -48.36 -2.83 57.64
CA GLY B 14 -49.37 -2.18 58.48
C GLY B 14 -49.61 -0.68 58.32
N THR B 15 -48.54 0.10 58.25
CA THR B 15 -48.69 1.54 58.11
C THR B 15 -48.42 2.04 56.69
N GLY B 16 -49.46 2.57 56.04
CA GLY B 16 -49.31 3.06 54.68
C GLY B 16 -49.60 1.97 53.65
N ASP B 17 -50.29 0.92 54.08
CA ASP B 17 -50.62 -0.17 53.18
C ASP B 17 -51.67 0.32 52.20
N VAL B 18 -51.71 -0.28 51.02
CA VAL B 18 -52.69 0.10 50.02
C VAL B 18 -53.68 -1.05 49.92
N THR B 19 -54.92 -0.77 50.29
CA THR B 19 -55.96 -1.76 50.22
C THR B 19 -56.78 -1.48 48.98
N VAL B 20 -57.15 -2.56 48.32
CA VAL B 20 -57.91 -2.48 47.10
C VAL B 20 -59.22 -3.21 47.43
N ALA B 21 -60.35 -2.63 47.04
CA ALA B 21 -61.65 -3.23 47.37
C ALA B 21 -62.58 -3.36 46.16
N PRO B 22 -63.38 -4.45 46.12
CA PRO B 22 -64.30 -4.67 44.99
C PRO B 22 -65.09 -3.43 44.60
N SER B 23 -65.10 -3.12 43.31
CA SER B 23 -65.79 -1.93 42.81
C SER B 23 -66.68 -2.16 41.58
N ASN B 24 -66.60 -3.33 40.95
CA ASN B 24 -67.44 -3.59 39.79
C ASN B 24 -67.43 -5.07 39.43
N PHE B 25 -68.53 -5.56 38.86
CA PHE B 25 -68.61 -6.96 38.47
C PHE B 25 -69.32 -7.13 37.12
N ALA B 26 -69.39 -6.04 36.37
CA ALA B 26 -70.05 -6.06 35.07
C ALA B 26 -69.34 -7.05 34.15
N ASN B 27 -70.13 -7.95 33.55
CA ASN B 27 -69.62 -8.96 32.62
C ASN B 27 -68.69 -10.01 33.23
N GLY B 28 -68.99 -10.45 34.44
CA GLY B 28 -68.13 -11.43 35.09
C GLY B 28 -66.69 -10.98 35.26
N VAL B 29 -66.41 -9.72 34.95
CA VAL B 29 -65.06 -9.17 35.10
C VAL B 29 -64.93 -8.46 36.46
N ALA B 30 -64.30 -9.12 37.42
CA ALA B 30 -64.14 -8.55 38.75
C ALA B 30 -63.18 -7.37 38.75
N GLU B 31 -63.52 -6.29 39.45
CA GLU B 31 -62.65 -5.12 39.53
C GLU B 31 -62.48 -4.67 40.99
N TRP B 32 -61.27 -4.20 41.31
CA TRP B 32 -60.93 -3.72 42.64
C TRP B 32 -60.23 -2.38 42.47
N ILE B 33 -60.55 -1.39 43.29
CA ILE B 33 -59.84 -0.12 43.20
C ILE B 33 -59.53 0.42 44.58
N SER B 34 -58.48 1.24 44.65
CA SER B 34 -58.10 1.84 45.91
C SER B 34 -59.00 3.04 46.10
N SER B 35 -58.95 3.64 47.28
CA SER B 35 -59.77 4.79 47.61
C SER B 35 -59.14 6.09 47.09
N ASN B 36 -59.15 6.24 45.77
CA ASN B 36 -58.58 7.40 45.12
C ASN B 36 -59.47 7.80 43.96
N SER B 37 -59.10 8.90 43.30
CA SER B 37 -59.83 9.34 42.11
C SER B 37 -59.47 8.21 41.14
N ARG B 38 -60.25 8.01 40.09
CA ARG B 38 -59.91 6.92 39.20
C ARG B 38 -58.65 7.15 38.37
N SER B 39 -58.19 8.40 38.34
CA SER B 39 -56.99 8.74 37.58
C SER B 39 -55.74 8.47 38.41
N GLN B 40 -55.92 8.28 39.73
CA GLN B 40 -54.77 8.03 40.59
C GLN B 40 -54.90 6.74 41.40
N ALA B 41 -55.93 5.95 41.11
CA ALA B 41 -56.17 4.73 41.86
C ALA B 41 -55.34 3.53 41.45
N TYR B 42 -55.27 2.55 42.34
CA TYR B 42 -54.59 1.28 42.04
C TYR B 42 -55.78 0.49 41.57
N LYS B 43 -55.66 -0.16 40.41
CA LYS B 43 -56.79 -0.91 39.89
C LYS B 43 -56.39 -2.33 39.53
N VAL B 44 -57.32 -3.25 39.79
CA VAL B 44 -57.09 -4.66 39.50
C VAL B 44 -58.37 -5.27 38.95
N THR B 45 -58.25 -5.98 37.82
CA THR B 45 -59.40 -6.66 37.23
C THR B 45 -58.96 -8.09 36.90
N CYS B 46 -59.90 -9.02 36.92
CA CYS B 46 -59.58 -10.41 36.64
C CYS B 46 -60.80 -11.07 36.00
N SER B 47 -60.54 -11.97 35.05
CA SER B 47 -61.61 -12.72 34.40
C SER B 47 -61.02 -14.01 33.86
N VAL B 48 -61.86 -15.05 33.73
CA VAL B 48 -61.44 -16.36 33.22
C VAL B 48 -62.35 -16.73 32.09
N ARG B 49 -61.84 -17.53 31.16
CA ARG B 49 -62.65 -17.98 30.04
C ARG B 49 -61.95 -19.15 29.35
N GLN B 50 -62.70 -19.89 28.57
CA GLN B 50 -62.15 -21.02 27.83
C GLN B 50 -61.61 -20.43 26.53
N SER B 51 -60.30 -20.20 26.47
CA SER B 51 -59.69 -19.62 25.28
C SER B 51 -59.91 -20.50 24.05
N SER B 52 -59.76 -21.82 24.24
CA SER B 52 -59.96 -22.77 23.15
C SER B 52 -60.42 -24.10 23.74
N ALA B 53 -60.53 -25.11 22.89
CA ALA B 53 -60.99 -26.42 23.32
C ALA B 53 -60.07 -27.10 24.33
N GLN B 54 -58.78 -26.80 24.25
CA GLN B 54 -57.79 -27.41 25.13
C GLN B 54 -57.32 -26.50 26.27
N ASN B 55 -57.61 -25.21 26.19
CA ASN B 55 -57.15 -24.27 27.21
C ASN B 55 -58.16 -23.33 27.86
N ARG B 56 -57.82 -22.89 29.07
CA ARG B 56 -58.59 -21.93 29.84
C ARG B 56 -57.58 -20.80 30.02
N LYS B 57 -58.06 -19.56 30.05
CA LYS B 57 -57.14 -18.45 30.20
C LYS B 57 -57.63 -17.37 31.17
N TYR B 58 -56.77 -17.01 32.13
CA TYR B 58 -57.07 -15.96 33.10
C TYR B 58 -56.45 -14.68 32.57
N THR B 59 -57.18 -13.58 32.63
CA THR B 59 -56.61 -12.32 32.17
C THR B 59 -56.64 -11.37 33.36
N ILE B 60 -55.46 -11.00 33.82
CA ILE B 60 -55.32 -10.13 34.97
C ILE B 60 -54.64 -8.83 34.56
N LYS B 61 -55.26 -7.71 34.92
CA LYS B 61 -54.71 -6.40 34.60
C LYS B 61 -54.57 -5.58 35.86
N VAL B 62 -53.45 -4.90 35.98
CA VAL B 62 -53.19 -4.06 37.14
C VAL B 62 -52.70 -2.70 36.67
N GLU B 63 -53.12 -1.64 37.36
CA GLU B 63 -52.69 -0.30 37.06
C GLU B 63 -52.09 0.29 38.33
N VAL B 64 -50.91 0.89 38.21
CA VAL B 64 -50.24 1.47 39.37
C VAL B 64 -49.88 2.92 39.09
N PRO B 65 -50.24 3.83 40.00
CA PRO B 65 -49.94 5.25 39.79
C PRO B 65 -48.51 5.64 40.13
N LYS B 66 -47.98 6.63 39.40
CA LYS B 66 -46.65 7.14 39.69
C LYS B 66 -46.95 8.04 40.91
N VAL B 67 -46.24 7.81 42.00
CA VAL B 67 -46.49 8.57 43.22
C VAL B 67 -45.55 9.77 43.46
N ALA B 68 -44.28 9.64 43.08
CA ALA B 68 -43.32 10.73 43.27
C ALA B 68 -43.78 12.03 42.61
N THR B 69 -43.90 13.08 43.42
CA THR B 69 -44.33 14.41 42.99
C THR B 69 -45.80 14.43 42.55
N GLN B 70 -46.55 13.45 43.02
CA GLN B 70 -47.96 13.35 42.70
C GLN B 70 -48.75 14.36 43.53
N THR B 71 -49.76 15.00 42.93
CA THR B 71 -50.62 15.95 43.64
C THR B 71 -51.94 15.23 43.91
N VAL B 72 -52.17 14.81 45.15
CA VAL B 72 -53.39 14.08 45.45
C VAL B 72 -54.66 14.83 45.05
N GLY B 73 -55.50 14.15 44.28
CA GLY B 73 -56.74 14.74 43.82
C GLY B 73 -56.58 15.76 42.71
N GLY B 74 -55.35 15.97 42.27
CA GLY B 74 -55.12 16.95 41.22
C GLY B 74 -55.30 16.36 39.84
N VAL B 75 -55.30 17.24 38.83
CA VAL B 75 -55.45 16.82 37.44
C VAL B 75 -54.05 16.72 36.86
N GLU B 76 -53.60 15.50 36.58
CA GLU B 76 -52.26 15.29 36.05
C GLU B 76 -52.27 14.77 34.62
N LEU B 77 -51.77 15.58 33.68
CA LEU B 77 -51.68 15.22 32.26
C LEU B 77 -50.23 15.25 31.79
N PRO B 78 -49.86 14.38 30.84
CA PRO B 78 -50.64 13.35 30.15
C PRO B 78 -50.77 12.09 30.99
N VAL B 79 -51.93 11.44 30.90
CA VAL B 79 -52.18 10.23 31.66
C VAL B 79 -51.04 9.21 31.53
N ALA B 80 -50.57 9.00 30.31
CA ALA B 80 -49.50 8.05 30.07
C ALA B 80 -48.21 8.31 30.84
N ALA B 81 -48.08 9.49 31.43
CA ALA B 81 -46.85 9.79 32.16
C ALA B 81 -46.98 9.41 33.62
N TRP B 82 -48.22 9.37 34.11
CA TRP B 82 -48.48 9.07 35.50
C TRP B 82 -49.00 7.68 35.84
N ARG B 83 -48.97 6.74 34.89
CA ARG B 83 -49.46 5.40 35.20
C ARG B 83 -48.68 4.24 34.61
N SER B 84 -48.64 3.13 35.34
CA SER B 84 -47.97 1.93 34.87
C SER B 84 -49.03 0.86 34.64
N TYR B 85 -48.88 0.07 33.58
CA TYR B 85 -49.86 -0.95 33.25
C TYR B 85 -49.27 -2.35 33.16
N LEU B 86 -49.91 -3.30 33.85
CA LEU B 86 -49.49 -4.69 33.83
C LEU B 86 -50.58 -5.57 33.20
N ASN B 87 -50.22 -6.32 32.17
CA ASN B 87 -51.17 -7.24 31.53
C ASN B 87 -50.64 -8.64 31.71
N MET B 88 -51.36 -9.45 32.47
CA MET B 88 -50.99 -10.83 32.71
C MET B 88 -52.00 -11.73 32.05
N GLU B 89 -51.50 -12.74 31.35
CA GLU B 89 -52.36 -13.71 30.70
C GLU B 89 -51.80 -15.06 31.05
N LEU B 90 -52.61 -15.85 31.75
CA LEU B 90 -52.20 -17.16 32.18
C LEU B 90 -53.01 -18.23 31.46
N THR B 91 -52.34 -19.09 30.70
CA THR B 91 -53.01 -20.16 29.97
C THR B 91 -52.83 -21.50 30.67
N ILE B 92 -53.95 -22.13 31.03
CA ILE B 92 -53.89 -23.41 31.73
C ILE B 92 -54.71 -24.47 31.01
N PRO B 93 -54.06 -25.56 30.57
CA PRO B 93 -54.70 -26.68 29.86
C PRO B 93 -55.83 -27.26 30.72
N ILE B 94 -56.91 -27.69 30.08
CA ILE B 94 -58.04 -28.24 30.83
C ILE B 94 -57.68 -29.48 31.66
N PHE B 95 -56.51 -30.06 31.41
CA PHE B 95 -56.10 -31.26 32.15
C PHE B 95 -55.49 -30.95 33.50
N ALA B 96 -55.24 -29.67 33.78
CA ALA B 96 -54.62 -29.27 35.04
C ALA B 96 -55.54 -29.43 36.24
N THR B 97 -55.09 -30.19 37.23
CA THR B 97 -55.84 -30.41 38.45
C THR B 97 -55.60 -29.24 39.38
N ASN B 98 -56.20 -29.28 40.56
CA ASN B 98 -55.99 -28.20 41.52
C ASN B 98 -54.53 -28.19 41.95
N SER B 99 -53.94 -29.37 42.09
CA SER B 99 -52.53 -29.46 42.47
C SER B 99 -51.67 -28.83 41.39
N ASP B 100 -51.92 -29.20 40.14
CA ASP B 100 -51.15 -28.62 39.05
C ASP B 100 -51.24 -27.09 39.12
N CYS B 101 -52.44 -26.58 39.41
CA CYS B 101 -52.64 -25.15 39.50
C CYS B 101 -51.93 -24.51 40.68
N GLU B 102 -51.88 -25.23 41.80
CA GLU B 102 -51.19 -24.70 42.95
C GLU B 102 -49.72 -24.52 42.61
N LEU B 103 -49.20 -25.47 41.84
CA LEU B 103 -47.81 -25.40 41.45
C LEU B 103 -47.59 -24.19 40.56
N ILE B 104 -48.53 -23.95 39.65
CA ILE B 104 -48.45 -22.82 38.74
C ILE B 104 -48.44 -21.50 39.50
N VAL B 105 -49.18 -21.44 40.60
CA VAL B 105 -49.22 -20.22 41.40
C VAL B 105 -47.88 -20.00 42.09
N LYS B 106 -47.25 -21.08 42.55
CA LYS B 106 -45.96 -20.98 43.22
C LYS B 106 -44.92 -20.46 42.26
N ALA B 107 -45.00 -20.92 41.02
CA ALA B 107 -44.04 -20.47 40.00
C ALA B 107 -44.17 -18.97 39.85
N MET B 108 -45.39 -18.45 39.95
CA MET B 108 -45.60 -17.02 39.82
C MET B 108 -45.08 -16.27 41.04
N GLN B 109 -45.31 -16.82 42.23
CA GLN B 109 -44.83 -16.17 43.44
C GLN B 109 -43.32 -16.17 43.46
N GLY B 110 -42.71 -17.29 43.06
CA GLY B 110 -41.26 -17.37 43.03
C GLY B 110 -40.64 -16.40 42.05
N LEU B 111 -41.28 -16.27 40.89
CA LEU B 111 -40.78 -15.36 39.86
C LEU B 111 -40.65 -13.95 40.42
N LEU B 112 -41.58 -13.58 41.29
CA LEU B 112 -41.62 -12.23 41.85
C LEU B 112 -41.09 -12.05 43.27
N LYS B 113 -40.62 -13.12 43.88
CA LYS B 113 -40.11 -13.00 45.24
C LYS B 113 -38.97 -11.99 45.37
N ASP B 114 -38.91 -11.33 46.52
CA ASP B 114 -37.88 -10.34 46.80
C ASP B 114 -36.47 -10.86 46.63
N GLY B 115 -35.64 -10.12 45.89
CA GLY B 115 -34.26 -10.54 45.70
C GLY B 115 -34.00 -11.32 44.43
N ASN B 116 -35.04 -11.83 43.78
CA ASN B 116 -34.83 -12.57 42.55
C ASN B 116 -34.58 -11.59 41.41
N PRO B 117 -33.90 -12.03 40.36
CA PRO B 117 -33.61 -11.13 39.23
C PRO B 117 -34.70 -10.24 38.66
N ILE B 118 -35.79 -10.81 38.13
CA ILE B 118 -36.86 -10.01 37.53
C ILE B 118 -37.31 -8.82 38.40
N PRO B 119 -37.75 -9.07 39.65
CA PRO B 119 -38.17 -7.91 40.43
C PRO B 119 -37.03 -6.96 40.76
N SER B 120 -35.82 -7.48 40.91
CA SER B 120 -34.68 -6.63 41.21
C SER B 120 -34.39 -5.68 40.04
N ALA B 121 -34.65 -6.15 38.82
CA ALA B 121 -34.41 -5.35 37.63
C ALA B 121 -35.46 -4.25 37.52
N ILE B 122 -36.71 -4.65 37.59
CA ILE B 122 -37.84 -3.72 37.50
C ILE B 122 -37.68 -2.58 38.50
N ALA B 123 -37.40 -2.95 39.75
CA ALA B 123 -37.26 -1.99 40.85
C ALA B 123 -36.09 -1.02 40.68
N ALA B 124 -35.05 -1.44 39.97
CA ALA B 124 -33.88 -0.61 39.78
C ALA B 124 -33.88 0.04 38.39
N ASN B 125 -35.06 0.14 37.78
CA ASN B 125 -35.17 0.73 36.45
C ASN B 125 -34.16 0.12 35.47
N SER B 126 -33.88 -1.17 35.61
CA SER B 126 -32.90 -1.84 34.74
C SER B 126 -33.38 -3.03 33.94
N GLY B 127 -32.45 -3.60 33.20
CA GLY B 127 -32.72 -4.78 32.40
C GLY B 127 -31.87 -5.88 33.02
N ILE B 128 -31.61 -6.96 32.27
CA ILE B 128 -30.79 -8.04 32.80
C ILE B 128 -29.36 -7.81 32.32
N TYR B 129 -28.38 -8.09 33.17
CA TYR B 129 -26.97 -7.89 32.81
C TYR B 129 -26.03 -8.75 33.66
N ALA C 1 38.40 3.45 -20.00
CA ALA C 1 37.39 3.23 -18.91
C ALA C 1 36.21 2.39 -19.42
N SER C 2 35.89 1.31 -18.70
CA SER C 2 34.78 0.46 -19.11
C SER C 2 34.25 -0.40 -17.96
N ASN C 3 32.93 -0.55 -17.91
CA ASN C 3 32.33 -1.39 -16.88
C ASN C 3 31.74 -2.64 -17.53
N PHE C 4 31.95 -2.77 -18.83
CA PHE C 4 31.48 -3.96 -19.55
C PHE C 4 32.65 -4.93 -19.45
N THR C 5 32.85 -5.46 -18.25
CA THR C 5 33.93 -6.37 -17.99
C THR C 5 33.51 -7.61 -17.24
N GLN C 6 34.48 -8.49 -17.05
CA GLN C 6 34.29 -9.74 -16.34
C GLN C 6 34.08 -9.44 -14.86
N PHE C 7 33.38 -10.32 -14.17
CA PHE C 7 33.15 -10.12 -12.74
C PHE C 7 32.62 -11.40 -12.11
N VAL C 8 32.72 -11.49 -10.79
CA VAL C 8 32.27 -12.67 -10.07
C VAL C 8 30.78 -12.62 -9.75
N LEU C 9 30.02 -13.55 -10.30
CA LEU C 9 28.59 -13.60 -10.04
C LEU C 9 28.34 -14.36 -8.74
N VAL C 10 28.97 -15.53 -8.61
CA VAL C 10 28.82 -16.33 -7.41
C VAL C 10 30.17 -16.42 -6.71
N ASP C 11 30.20 -15.95 -5.48
CA ASP C 11 31.43 -15.97 -4.69
C ASP C 11 31.46 -17.14 -3.72
N ASN C 12 32.31 -18.13 -4.04
CA ASN C 12 32.44 -19.31 -3.18
C ASN C 12 33.84 -19.33 -2.57
N GLY C 13 34.24 -18.20 -1.99
CA GLY C 13 35.55 -18.11 -1.39
C GLY C 13 36.56 -17.65 -2.41
N GLY C 14 37.02 -18.57 -3.24
CA GLY C 14 37.99 -18.25 -4.27
C GLY C 14 38.18 -19.49 -5.10
N THR C 15 37.38 -20.49 -4.78
CA THR C 15 37.40 -21.77 -5.46
C THR C 15 35.97 -22.22 -5.72
N GLY C 16 35.61 -22.28 -7.00
CA GLY C 16 34.27 -22.66 -7.37
C GLY C 16 33.49 -21.39 -7.63
N ASP C 17 34.21 -20.27 -7.67
CA ASP C 17 33.60 -18.97 -7.92
C ASP C 17 33.08 -18.98 -9.33
N VAL C 18 31.88 -18.45 -9.54
CA VAL C 18 31.33 -18.40 -10.89
C VAL C 18 31.63 -17.03 -11.45
N THR C 19 32.26 -17.00 -12.60
CA THR C 19 32.61 -15.74 -13.24
C THR C 19 31.93 -15.62 -14.58
N VAL C 20 31.32 -14.48 -14.82
CA VAL C 20 30.68 -14.23 -16.10
C VAL C 20 31.59 -13.24 -16.84
N ALA C 21 31.69 -13.41 -18.16
CA ALA C 21 32.52 -12.54 -18.98
C ALA C 21 31.69 -11.94 -20.09
N PRO C 22 32.00 -10.70 -20.50
CA PRO C 22 31.23 -10.07 -21.57
C PRO C 22 31.15 -10.99 -22.78
N SER C 23 30.02 -10.98 -23.48
CA SER C 23 29.91 -11.82 -24.66
C SER C 23 29.29 -11.08 -25.84
N ASN C 24 28.39 -10.13 -25.56
CA ASN C 24 27.77 -9.42 -26.65
C ASN C 24 27.04 -8.18 -26.16
N PHE C 25 27.02 -7.13 -26.99
CA PHE C 25 26.38 -5.88 -26.62
C PHE C 25 25.58 -5.31 -27.79
N ALA C 26 24.75 -6.14 -28.42
CA ALA C 26 23.94 -5.71 -29.55
C ALA C 26 22.60 -5.12 -29.10
N ASN C 27 22.15 -4.11 -29.83
CA ASN C 27 20.87 -3.44 -29.54
C ASN C 27 20.74 -2.91 -28.12
N GLY C 28 21.79 -2.29 -27.61
CA GLY C 28 21.72 -1.74 -26.27
C GLY C 28 21.53 -2.75 -25.15
N VAL C 29 21.72 -4.04 -25.42
CA VAL C 29 21.58 -5.04 -24.37
C VAL C 29 22.92 -5.72 -24.09
N ALA C 30 23.52 -5.41 -22.94
CA ALA C 30 24.80 -5.99 -22.56
C ALA C 30 24.58 -7.39 -22.03
N GLU C 31 25.39 -8.35 -22.48
CA GLU C 31 25.27 -9.74 -22.05
C GLU C 31 26.57 -10.34 -21.54
N TRP C 32 26.49 -11.03 -20.39
CA TRP C 32 27.64 -11.69 -19.78
C TRP C 32 27.30 -13.19 -19.69
N ILE C 33 28.30 -14.05 -19.90
CA ILE C 33 28.10 -15.50 -19.84
C ILE C 33 29.32 -16.18 -19.19
N SER C 34 29.08 -17.22 -18.41
CA SER C 34 30.18 -17.93 -17.77
C SER C 34 30.82 -18.84 -18.82
N SER C 35 32.05 -19.28 -18.56
CA SER C 35 32.77 -20.13 -19.50
C SER C 35 32.18 -21.54 -19.64
N ASN C 36 32.73 -22.30 -20.60
CA ASN C 36 32.29 -23.65 -20.93
C ASN C 36 30.93 -23.70 -21.64
N SER C 37 30.43 -24.90 -21.91
CA SER C 37 29.16 -25.07 -22.62
C SER C 37 28.15 -23.98 -22.40
N ARG C 38 27.78 -23.30 -23.49
CA ARG C 38 26.79 -22.23 -23.42
C ARG C 38 25.53 -22.85 -22.81
N SER C 39 25.31 -24.14 -23.10
CA SER C 39 24.15 -24.85 -22.59
C SER C 39 24.05 -24.91 -21.07
N GLN C 40 25.19 -24.90 -20.39
CA GLN C 40 25.21 -24.96 -18.93
C GLN C 40 25.70 -23.66 -18.30
N ALA C 41 25.75 -22.60 -19.10
CA ALA C 41 26.28 -21.32 -18.65
C ALA C 41 25.33 -20.41 -17.88
N TYR C 42 25.93 -19.55 -17.05
CA TYR C 42 25.19 -18.57 -16.29
C TYR C 42 25.05 -17.38 -17.24
N LYS C 43 23.88 -16.74 -17.22
CA LYS C 43 23.68 -15.61 -18.10
C LYS C 43 23.21 -14.39 -17.33
N VAL C 44 23.65 -13.22 -17.78
CA VAL C 44 23.29 -11.96 -17.16
C VAL C 44 23.16 -10.94 -18.27
N THR C 45 22.06 -10.20 -18.29
CA THR C 45 21.89 -9.17 -19.29
C THR C 45 21.39 -7.91 -18.60
N CYS C 46 21.76 -6.76 -19.16
CA CYS C 46 21.38 -5.48 -18.59
C CYS C 46 21.21 -4.46 -19.69
N SER C 47 20.20 -3.60 -19.56
CA SER C 47 19.97 -2.55 -20.54
C SER C 47 19.31 -1.40 -19.79
N VAL C 48 19.41 -0.20 -20.35
CA VAL C 48 18.83 0.99 -19.73
C VAL C 48 18.16 1.78 -20.82
N ARG C 49 17.12 2.52 -20.46
CA ARG C 49 16.44 3.33 -21.46
C ARG C 49 15.44 4.29 -20.87
N GLN C 50 15.17 5.35 -21.61
CA GLN C 50 14.23 6.37 -21.21
C GLN C 50 12.82 5.82 -21.43
N SER C 51 12.22 5.29 -20.36
CA SER C 51 10.89 4.72 -20.46
C SER C 51 9.84 5.79 -20.75
N SER C 52 9.90 6.89 -20.01
CA SER C 52 8.96 7.99 -20.22
C SER C 52 9.75 9.29 -20.19
N ALA C 53 9.05 10.42 -20.15
CA ALA C 53 9.72 11.71 -20.16
C ALA C 53 10.56 12.00 -18.91
N GLN C 54 10.18 11.42 -17.78
CA GLN C 54 10.90 11.68 -16.53
C GLN C 54 11.52 10.46 -15.90
N ASN C 55 11.38 9.30 -16.55
CA ASN C 55 11.94 8.09 -15.99
C ASN C 55 12.86 7.31 -16.88
N ARG C 56 13.95 6.84 -16.29
CA ARG C 56 14.90 5.99 -16.98
C ARG C 56 14.60 4.64 -16.35
N LYS C 57 14.77 3.56 -17.09
CA LYS C 57 14.45 2.25 -16.54
C LYS C 57 15.47 1.19 -16.87
N TYR C 58 15.92 0.47 -15.85
CA TYR C 58 16.88 -0.61 -16.03
C TYR C 58 16.15 -1.93 -16.06
N THR C 59 16.59 -2.83 -16.93
CA THR C 59 16.02 -4.18 -17.01
C THR C 59 17.20 -5.13 -16.90
N ILE C 60 17.27 -5.83 -15.78
CA ILE C 60 18.36 -6.76 -15.50
C ILE C 60 17.81 -8.18 -15.44
N LYS C 61 18.57 -9.13 -15.96
CA LYS C 61 18.13 -10.52 -15.96
C LYS C 61 19.26 -11.47 -15.65
N VAL C 62 18.97 -12.47 -14.84
CA VAL C 62 19.98 -13.45 -14.50
C VAL C 62 19.39 -14.85 -14.65
N GLU C 63 20.25 -15.79 -15.06
CA GLU C 63 19.84 -17.17 -15.23
C GLU C 63 20.79 -18.08 -14.48
N VAL C 64 20.25 -18.86 -13.55
CA VAL C 64 21.07 -19.79 -12.78
C VAL C 64 20.70 -21.17 -13.27
N PRO C 65 21.68 -21.91 -13.82
CA PRO C 65 21.39 -23.25 -14.31
C PRO C 65 21.66 -24.38 -13.33
N LYS C 66 20.99 -25.49 -13.57
CA LYS C 66 21.17 -26.68 -12.77
C LYS C 66 21.95 -27.60 -13.71
N VAL C 67 23.26 -27.64 -13.53
CA VAL C 67 24.13 -28.45 -14.38
C VAL C 67 23.85 -29.95 -14.32
N ALA C 68 23.63 -30.54 -15.49
CA ALA C 68 23.36 -31.97 -15.57
C ALA C 68 23.75 -32.52 -16.93
N THR C 69 23.87 -33.84 -17.01
CA THR C 69 24.21 -34.52 -18.25
C THR C 69 22.99 -35.23 -18.80
N GLN C 70 22.65 -34.97 -20.06
CA GLN C 70 21.50 -35.65 -20.65
C GLN C 70 21.95 -36.81 -21.52
N THR C 71 21.36 -37.97 -21.29
CA THR C 71 21.71 -39.14 -22.09
C THR C 71 20.50 -39.60 -22.88
N VAL C 72 20.65 -39.63 -24.20
CA VAL C 72 19.59 -40.06 -25.08
C VAL C 72 20.18 -40.90 -26.21
N GLY C 73 19.75 -42.15 -26.29
CA GLY C 73 20.25 -43.03 -27.32
C GLY C 73 21.70 -43.37 -27.02
N GLY C 74 22.12 -43.19 -25.78
CA GLY C 74 23.50 -43.50 -25.44
C GLY C 74 24.42 -42.35 -25.78
N VAL C 75 23.84 -41.24 -26.24
CA VAL C 75 24.59 -40.04 -26.59
C VAL C 75 24.40 -39.03 -25.47
N GLU C 76 25.47 -38.70 -24.74
CA GLU C 76 25.31 -37.71 -23.67
C GLU C 76 25.78 -36.30 -24.05
N LEU C 77 24.99 -35.32 -23.62
CA LEU C 77 25.27 -33.92 -23.88
C LEU C 77 25.23 -33.12 -22.59
N PRO C 78 26.07 -32.08 -22.48
CA PRO C 78 26.07 -31.26 -21.27
C PRO C 78 24.84 -30.37 -21.39
N VAL C 79 23.99 -30.38 -20.37
CA VAL C 79 22.79 -29.55 -20.42
C VAL C 79 22.46 -28.97 -19.05
N ALA C 80 21.37 -28.22 -19.01
CA ALA C 80 20.87 -27.65 -17.77
C ALA C 80 19.55 -28.39 -17.53
N ALA C 81 19.46 -29.11 -16.42
CA ALA C 81 18.24 -29.84 -16.08
C ALA C 81 17.07 -28.86 -16.06
N TRP C 82 17.37 -27.64 -15.61
CA TRP C 82 16.39 -26.57 -15.54
C TRP C 82 17.14 -25.29 -15.20
N ARG C 83 16.43 -24.17 -15.21
CA ARG C 83 17.04 -22.89 -14.89
C ARG C 83 16.14 -22.06 -13.99
N SER C 84 16.78 -21.24 -13.17
CA SER C 84 16.07 -20.34 -12.27
C SER C 84 16.16 -18.99 -12.98
N TYR C 85 15.05 -18.25 -13.05
CA TYR C 85 15.09 -16.96 -13.76
C TYR C 85 14.79 -15.73 -12.92
N LEU C 86 15.80 -14.87 -12.77
CA LEU C 86 15.62 -13.64 -12.01
C LEU C 86 15.41 -12.54 -13.02
N ASN C 87 14.32 -11.80 -12.87
CA ASN C 87 14.01 -10.72 -13.77
C ASN C 87 13.61 -9.46 -12.97
N MET C 88 14.42 -8.41 -13.05
CA MET C 88 14.11 -7.19 -12.33
C MET C 88 14.15 -5.90 -13.14
N GLU C 89 13.27 -4.98 -12.78
CA GLU C 89 13.15 -3.70 -13.45
C GLU C 89 13.28 -2.60 -12.41
N LEU C 90 14.14 -1.64 -12.68
CA LEU C 90 14.36 -0.55 -11.75
C LEU C 90 14.06 0.79 -12.42
N THR C 91 13.12 1.55 -11.87
CA THR C 91 12.76 2.85 -12.44
C THR C 91 13.32 3.98 -11.61
N ILE C 92 14.01 4.90 -12.26
CA ILE C 92 14.58 6.05 -11.55
C ILE C 92 14.30 7.37 -12.27
N PRO C 93 13.61 8.30 -11.60
CA PRO C 93 13.27 9.61 -12.15
C PRO C 93 14.55 10.34 -12.55
N ILE C 94 14.46 11.19 -13.57
CA ILE C 94 15.64 11.92 -14.03
C ILE C 94 16.09 12.99 -13.05
N PHE C 95 15.39 13.12 -11.93
CA PHE C 95 15.75 14.11 -10.93
C PHE C 95 16.72 13.53 -9.91
N ALA C 96 16.95 12.22 -9.99
CA ALA C 96 17.84 11.55 -9.04
C ALA C 96 19.29 11.93 -9.25
N THR C 97 19.92 12.45 -8.21
CA THR C 97 21.33 12.82 -8.27
C THR C 97 22.13 11.55 -8.05
N ASN C 98 23.45 11.65 -8.10
CA ASN C 98 24.26 10.45 -7.88
C ASN C 98 24.09 9.98 -6.45
N SER C 99 23.83 10.91 -5.52
CA SER C 99 23.62 10.55 -4.13
C SER C 99 22.36 9.72 -4.00
N ASP C 100 21.31 10.17 -4.70
CA ASP C 100 20.04 9.46 -4.65
C ASP C 100 20.20 8.04 -5.19
N CYS C 101 20.98 7.90 -6.26
CA CYS C 101 21.20 6.60 -6.87
C CYS C 101 21.97 5.67 -5.95
N GLU C 102 22.98 6.22 -5.28
CA GLU C 102 23.77 5.42 -4.37
C GLU C 102 22.89 4.85 -3.28
N LEU C 103 21.88 5.62 -2.88
CA LEU C 103 20.96 5.19 -1.83
C LEU C 103 20.11 4.04 -2.36
N ILE C 104 19.65 4.18 -3.61
CA ILE C 104 18.84 3.15 -4.23
C ILE C 104 19.62 1.85 -4.32
N VAL C 105 20.93 1.94 -4.53
CA VAL C 105 21.74 0.72 -4.61
C VAL C 105 21.88 0.09 -3.23
N LYS C 106 22.07 0.91 -2.20
CA LYS C 106 22.19 0.37 -0.85
C LYS C 106 20.90 -0.30 -0.41
N ALA C 107 19.78 0.16 -0.95
CA ALA C 107 18.49 -0.42 -0.60
C ALA C 107 18.44 -1.82 -1.20
N MET C 108 18.97 -1.95 -2.42
CA MET C 108 18.96 -3.25 -3.07
C MET C 108 19.90 -4.23 -2.39
N GLN C 109 21.07 -3.75 -1.98
CA GLN C 109 22.03 -4.61 -1.31
C GLN C 109 21.49 -5.02 0.06
N GLY C 110 20.87 -4.07 0.77
CA GLY C 110 20.32 -4.38 2.07
C GLY C 110 19.17 -5.38 1.98
N LEU C 111 18.36 -5.25 0.94
CA LEU C 111 17.23 -6.15 0.73
C LEU C 111 17.68 -7.61 0.66
N LEU C 112 18.88 -7.84 0.13
CA LEU C 112 19.38 -9.19 -0.04
C LEU C 112 20.49 -9.63 0.89
N LYS C 113 20.82 -8.79 1.87
CA LYS C 113 21.88 -9.14 2.80
C LYS C 113 21.59 -10.42 3.58
N ASP C 114 22.64 -11.19 3.89
CA ASP C 114 22.47 -12.42 4.65
C ASP C 114 21.77 -12.20 5.98
N GLY C 115 20.77 -13.02 6.26
CA GLY C 115 20.07 -12.89 7.51
C GLY C 115 18.74 -12.14 7.42
N ASN C 116 18.59 -11.32 6.38
CA ASN C 116 17.36 -10.56 6.24
C ASN C 116 16.24 -11.45 5.73
N PRO C 117 14.97 -11.09 6.01
CA PRO C 117 13.80 -11.85 5.60
C PRO C 117 13.79 -12.45 4.19
N ILE C 118 13.78 -11.60 3.17
CA ILE C 118 13.71 -12.10 1.80
C ILE C 118 14.78 -13.12 1.39
N PRO C 119 16.08 -12.79 1.54
CA PRO C 119 17.13 -13.74 1.17
C PRO C 119 17.11 -15.04 1.93
N SER C 120 16.72 -15.01 3.20
CA SER C 120 16.69 -16.25 3.96
C SER C 120 15.42 -17.06 3.70
N ALA C 121 14.41 -16.43 3.13
CA ALA C 121 13.16 -17.14 2.83
C ALA C 121 13.40 -17.92 1.56
N ILE C 122 14.06 -17.28 0.61
CA ILE C 122 14.37 -17.87 -0.69
C ILE C 122 15.32 -19.04 -0.51
N ALA C 123 16.37 -18.81 0.27
CA ALA C 123 17.39 -19.82 0.52
C ALA C 123 16.85 -21.09 1.16
N ALA C 124 15.60 -21.05 1.59
CA ALA C 124 15.01 -22.20 2.25
C ALA C 124 13.67 -22.61 1.64
N ASN C 125 13.52 -22.45 0.33
CA ASN C 125 12.29 -22.82 -0.33
C ASN C 125 11.08 -22.36 0.48
N SER C 126 11.18 -21.23 1.17
CA SER C 126 10.06 -20.76 1.98
C SER C 126 9.52 -19.40 1.57
N GLY C 127 8.51 -18.95 2.30
CA GLY C 127 7.91 -17.65 2.05
C GLY C 127 8.01 -16.88 3.35
N ILE C 128 7.15 -15.89 3.53
CA ILE C 128 7.17 -15.12 4.75
C ILE C 128 6.23 -15.78 5.77
N TYR C 129 6.59 -15.70 7.05
CA TYR C 129 5.76 -16.29 8.09
C TYR C 129 6.07 -15.68 9.45
#